data_4WQQ
#
_entry.id   4WQQ
#
_cell.length_a   64.290
_cell.length_b   61.060
_cell.length_c   80.700
_cell.angle_alpha   90.00
_cell.angle_beta   109.39
_cell.angle_gamma   90.00
#
_symmetry.space_group_name_H-M   'P 1 21 1'
#
loop_
_entity.id
_entity.type
_entity.pdbx_description
1 polymer 'Lectin CEL-I, N-acetyl-D-galactosamine-specific C-type'
2 non-polymer 'CALCIUM ION'
3 non-polymer alpha-D-mannopyranose
4 water water
#
_entity_poly.entity_id   1
_entity_poly.type   'polypeptide(L)'
_entity_poly.pdbx_seq_one_letter_code
;MNQCPTDWEAEGDHCYRFFNTLTTWENAHHECVSYSCSTLNVRSDLVSVHSAAEQAYVFNYWRGIDSQAGQLWIGLYDKY
NEGDFIWTDGSKVGYTKWAGGEPNNHNNAEDYGQFRHTEGGAWNDNSAAAQAKYMCKLTFE
;
_entity_poly.pdbx_strand_id   A,B,C,D
#
loop_
_chem_comp.id
_chem_comp.type
_chem_comp.name
_chem_comp.formula
CA non-polymer 'CALCIUM ION' 'Ca 2'
MAN D-saccharide, alpha linking alpha-D-mannopyranose 'C6 H12 O6'
#
# COMPACT_ATOMS: atom_id res chain seq x y z
N MET A 1 15.04 -8.30 -15.79
CA MET A 1 14.04 -7.56 -14.98
C MET A 1 12.67 -7.88 -15.51
N ASN A 2 11.70 -7.92 -14.61
CA ASN A 2 10.29 -8.05 -15.00
C ASN A 2 9.44 -7.19 -14.08
N GLN A 3 8.14 -7.14 -14.35
CA GLN A 3 7.26 -6.32 -13.56
C GLN A 3 6.24 -7.19 -12.81
N CYS A 4 6.61 -8.45 -12.51
CA CYS A 4 5.71 -9.32 -11.69
C CYS A 4 5.79 -8.92 -10.20
N PRO A 5 4.69 -9.07 -9.48
CA PRO A 5 4.78 -8.97 -8.00
C PRO A 5 5.76 -9.97 -7.42
N THR A 6 6.27 -9.65 -6.22
CA THR A 6 7.11 -10.56 -5.53
C THR A 6 6.41 -11.92 -5.29
N ASP A 7 7.18 -12.98 -5.45
CA ASP A 7 6.75 -14.40 -5.38
C ASP A 7 5.91 -14.88 -6.56
N TRP A 8 5.74 -14.05 -7.59
CA TRP A 8 5.13 -14.44 -8.85
C TRP A 8 6.23 -14.42 -9.90
N GLU A 9 6.15 -15.40 -10.80
CA GLU A 9 7.12 -15.58 -11.89
C GLU A 9 6.57 -15.04 -13.18
N ALA A 10 7.45 -14.40 -13.96
CA ALA A 10 7.02 -13.81 -15.22
C ALA A 10 7.22 -14.77 -16.36
N GLU A 11 6.22 -14.83 -17.20
CA GLU A 11 6.31 -15.58 -18.50
C GLU A 11 5.33 -14.96 -19.49
N GLY A 12 5.84 -14.53 -20.64
CA GLY A 12 5.01 -13.71 -21.54
C GLY A 12 4.39 -12.46 -20.93
N ASP A 13 3.15 -12.11 -21.26
CA ASP A 13 2.55 -10.95 -20.63
C ASP A 13 1.78 -11.33 -19.39
N HIS A 14 2.26 -12.34 -18.67
CA HIS A 14 1.51 -12.86 -17.49
C HIS A 14 2.48 -13.13 -16.37
N CYS A 15 1.94 -13.27 -15.15
CA CYS A 15 2.65 -13.73 -14.01
C CYS A 15 1.96 -14.97 -13.47
N TYR A 16 2.73 -15.84 -12.90
CA TYR A 16 2.27 -17.15 -12.43
C TYR A 16 2.76 -17.40 -11.00
N ARG A 17 1.97 -18.11 -10.19
CA ARG A 17 2.37 -18.50 -8.87
C ARG A 17 1.80 -19.87 -8.52
N PHE A 18 2.71 -20.77 -8.17
CA PHE A 18 2.36 -22.07 -7.72
C PHE A 18 2.23 -22.17 -6.21
N PHE A 19 1.13 -22.77 -5.77
CA PHE A 19 0.82 -23.06 -4.41
C PHE A 19 0.83 -24.55 -4.14
N ASN A 20 1.83 -24.94 -3.35
CA ASN A 20 2.10 -26.35 -3.07
C ASN A 20 1.29 -26.84 -1.88
N THR A 21 -0.02 -26.74 -2.05
CA THR A 21 -1.01 -27.05 -1.01
C THR A 21 -2.11 -27.79 -1.65
N LEU A 22 -2.39 -28.96 -1.11
CA LEU A 22 -3.48 -29.75 -1.58
C LEU A 22 -4.83 -29.13 -1.16
N THR A 23 -5.75 -28.96 -2.11
CA THR A 23 -7.05 -28.41 -1.83
C THR A 23 -8.06 -28.83 -2.96
N THR A 24 -9.32 -28.48 -2.75
CA THR A 24 -10.36 -28.68 -3.72
C THR A 24 -10.26 -27.64 -4.84
N TRP A 25 -10.87 -27.93 -5.97
CA TRP A 25 -10.86 -27.00 -7.08
C TRP A 25 -11.56 -25.68 -6.65
N GLU A 26 -12.68 -25.82 -5.98
CA GLU A 26 -13.46 -24.64 -5.54
C GLU A 26 -12.61 -23.78 -4.63
N ASN A 27 -11.89 -24.37 -3.68
CA ASN A 27 -11.11 -23.55 -2.80
C ASN A 27 -9.86 -22.99 -3.49
N ALA A 28 -9.24 -23.77 -4.40
CA ALA A 28 -8.15 -23.24 -5.20
C ALA A 28 -8.61 -21.98 -6.03
N HIS A 29 -9.79 -22.05 -6.63
CA HIS A 29 -10.34 -21.00 -7.43
C HIS A 29 -10.48 -19.75 -6.56
N HIS A 30 -11.13 -19.93 -5.40
CA HIS A 30 -11.23 -18.89 -4.38
C HIS A 30 -9.90 -18.27 -3.99
N GLU A 31 -8.89 -19.09 -3.68
CA GLU A 31 -7.62 -18.60 -3.25
C GLU A 31 -6.97 -17.79 -4.36
N CYS A 32 -6.96 -18.30 -5.58
CA CYS A 32 -6.38 -17.49 -6.68
C CYS A 32 -7.04 -16.12 -6.88
N VAL A 33 -8.37 -16.11 -6.89
CA VAL A 33 -9.08 -14.90 -7.19
C VAL A 33 -8.84 -13.85 -6.08
N SER A 34 -8.65 -14.33 -4.86
CA SER A 34 -8.38 -13.45 -3.72
C SER A 34 -7.25 -12.45 -3.91
N TYR A 35 -6.27 -12.73 -4.79
CA TYR A 35 -5.13 -11.81 -5.03
C TYR A 35 -5.47 -10.68 -5.99
N SER A 36 -6.65 -10.71 -6.62
CA SER A 36 -6.97 -9.71 -7.64
C SER A 36 -6.90 -8.27 -7.13
N CYS A 37 -6.58 -7.39 -8.05
CA CYS A 37 -6.45 -5.94 -7.78
CA CYS A 37 -6.55 -6.00 -7.73
C CYS A 37 -7.32 -5.14 -8.71
N SER A 38 -8.51 -4.71 -8.26
CA SER A 38 -9.36 -3.94 -9.11
C SER A 38 -8.77 -2.57 -9.36
N THR A 39 -7.96 -1.97 -8.45
CA THR A 39 -7.36 -0.69 -8.73
C THR A 39 -6.44 -0.66 -9.92
N LEU A 40 -5.93 -1.80 -10.35
CA LEU A 40 -5.01 -1.92 -11.50
C LEU A 40 -5.60 -2.82 -12.60
N ASN A 41 -6.87 -3.22 -12.45
CA ASN A 41 -7.54 -4.18 -13.34
C ASN A 41 -6.73 -5.42 -13.55
N VAL A 42 -6.16 -5.89 -12.45
CA VAL A 42 -5.42 -7.17 -12.47
C VAL A 42 -6.29 -8.31 -11.97
N ARG A 43 -6.61 -9.22 -12.87
CA ARG A 43 -7.31 -10.45 -12.44
C ARG A 43 -6.28 -11.47 -12.06
N SER A 44 -6.46 -12.05 -10.86
CA SER A 44 -5.80 -13.27 -10.48
C SER A 44 -6.81 -14.37 -10.53
N ASP A 45 -6.43 -15.52 -11.09
CA ASP A 45 -7.39 -16.61 -11.30
C ASP A 45 -6.62 -17.90 -11.44
N LEU A 46 -7.29 -19.01 -11.41
CA LEU A 46 -6.65 -20.27 -11.80
C LEU A 46 -6.05 -20.14 -13.21
N VAL A 47 -4.94 -20.79 -13.45
CA VAL A 47 -4.22 -20.70 -14.75
C VAL A 47 -5.13 -21.20 -15.87
N SER A 48 -5.13 -20.44 -16.97
CA SER A 48 -5.66 -20.90 -18.25
C SER A 48 -4.49 -21.14 -19.18
N VAL A 49 -4.66 -22.02 -20.18
CA VAL A 49 -3.51 -22.54 -21.01
C VAL A 49 -3.89 -22.36 -22.48
N HIS A 50 -3.07 -21.58 -23.17
CA HIS A 50 -3.42 -21.24 -24.57
C HIS A 50 -2.46 -21.67 -25.65
N SER A 51 -1.42 -22.40 -25.29
CA SER A 51 -0.48 -22.97 -26.24
C SER A 51 0.37 -24.04 -25.61
N ALA A 52 1.14 -24.76 -26.45
CA ALA A 52 2.02 -25.75 -25.96
C ALA A 52 3.10 -25.13 -25.11
N ALA A 53 3.52 -23.93 -25.49
CA ALA A 53 4.59 -23.26 -24.77
C ALA A 53 4.07 -22.92 -23.37
N GLU A 54 2.85 -22.39 -23.31
CA GLU A 54 2.27 -22.07 -21.98
C GLU A 54 2.10 -23.34 -21.13
N GLN A 55 1.64 -24.42 -21.75
CA GLN A 55 1.49 -25.68 -21.10
C GLN A 55 2.83 -26.11 -20.52
N ALA A 56 3.87 -26.11 -21.37
CA ALA A 56 5.14 -26.58 -20.88
C ALA A 56 5.70 -25.70 -19.78
N TYR A 57 5.52 -24.42 -19.89
CA TYR A 57 6.04 -23.46 -18.89
C TYR A 57 5.40 -23.79 -17.53
N VAL A 58 4.08 -23.96 -17.56
CA VAL A 58 3.31 -24.31 -16.35
C VAL A 58 3.70 -25.62 -15.73
N PHE A 59 3.79 -26.66 -16.55
CA PHE A 59 4.09 -27.98 -16.10
C PHE A 59 5.51 -27.97 -15.49
N ASN A 60 6.49 -27.36 -16.21
CA ASN A 60 7.87 -27.40 -15.74
C ASN A 60 8.04 -26.58 -14.44
N TYR A 61 7.27 -25.51 -14.30
CA TYR A 61 7.34 -24.71 -13.09
C TYR A 61 6.82 -25.50 -11.89
N TRP A 62 5.65 -26.10 -12.05
CA TRP A 62 5.05 -26.94 -11.07
C TRP A 62 6.01 -28.08 -10.62
N ARG A 63 6.51 -28.84 -11.60
CA ARG A 63 7.29 -30.04 -11.32
C ARG A 63 8.70 -29.72 -10.83
N GLY A 64 9.12 -28.47 -10.99
CA GLY A 64 10.37 -28.02 -10.34
C GLY A 64 10.25 -27.77 -8.86
N ILE A 65 9.02 -27.50 -8.39
CA ILE A 65 8.80 -27.32 -7.01
C ILE A 65 8.21 -28.55 -6.32
N ASP A 66 7.30 -29.23 -6.99
CA ASP A 66 6.55 -30.35 -6.42
C ASP A 66 6.95 -31.64 -7.14
N SER A 67 7.62 -32.52 -6.40
CA SER A 67 7.97 -33.80 -6.97
C SER A 67 6.99 -34.92 -6.66
N GLN A 68 5.86 -34.60 -6.00
CA GLN A 68 4.98 -35.67 -5.55
C GLN A 68 4.07 -36.12 -6.70
N ALA A 69 3.69 -37.39 -6.74
CA ALA A 69 2.70 -37.87 -7.73
C ALA A 69 1.33 -37.24 -7.36
N GLY A 70 0.69 -36.64 -8.32
CA GLY A 70 -0.53 -35.87 -8.03
C GLY A 70 -0.82 -34.98 -9.16
N GLN A 71 -1.80 -34.11 -8.97
CA GLN A 71 -2.31 -33.31 -10.02
C GLN A 71 -2.25 -31.84 -9.64
N LEU A 72 -2.51 -31.03 -10.65
CA LEU A 72 -2.49 -29.55 -10.58
C LEU A 72 -3.79 -29.00 -11.12
N TRP A 73 -4.60 -28.40 -10.25
CA TRP A 73 -5.78 -27.64 -10.76
C TRP A 73 -5.46 -26.53 -11.71
N ILE A 74 -6.25 -26.47 -12.76
CA ILE A 74 -6.29 -25.35 -13.69
C ILE A 74 -7.69 -24.81 -13.76
N GLY A 75 -7.85 -23.65 -14.41
CA GLY A 75 -9.12 -22.95 -14.39
C GLY A 75 -10.21 -23.45 -15.34
N LEU A 76 -10.21 -24.75 -15.62
CA LEU A 76 -11.07 -25.33 -16.67
C LEU A 76 -12.18 -26.09 -16.00
N TYR A 77 -13.42 -25.79 -16.40
CA TYR A 77 -14.54 -26.52 -15.79
C TYR A 77 -15.76 -26.61 -16.68
N ASP A 78 -16.64 -27.61 -16.43
CA ASP A 78 -17.87 -27.73 -17.21
C ASP A 78 -19.14 -27.89 -16.34
N LYS A 79 -19.12 -27.23 -15.19
CA LYS A 79 -20.24 -27.12 -14.30
C LYS A 79 -21.50 -26.61 -15.00
N TYR A 80 -21.39 -25.56 -15.80
CA TYR A 80 -22.59 -24.92 -16.37
C TYR A 80 -23.14 -25.65 -17.58
N ASN A 81 -22.22 -26.18 -18.40
CA ASN A 81 -22.53 -26.86 -19.61
C ASN A 81 -21.69 -28.09 -19.70
N GLU A 82 -22.22 -29.19 -19.16
CA GLU A 82 -21.53 -30.46 -19.19
C GLU A 82 -20.98 -30.81 -20.55
N GLY A 83 -19.69 -31.14 -20.59
CA GLY A 83 -19.03 -31.51 -21.84
C GLY A 83 -18.48 -30.31 -22.58
N ASP A 84 -18.83 -29.11 -22.17
CA ASP A 84 -18.39 -27.87 -22.82
C ASP A 84 -17.54 -27.06 -21.82
N PHE A 85 -16.26 -27.40 -21.75
CA PHE A 85 -15.39 -26.77 -20.75
C PHE A 85 -15.15 -25.33 -21.09
N ILE A 86 -15.09 -24.49 -20.05
CA ILE A 86 -14.72 -23.11 -20.16
C ILE A 86 -13.58 -22.77 -19.15
N TRP A 87 -12.89 -21.64 -19.41
CA TRP A 87 -11.95 -21.08 -18.42
C TRP A 87 -12.60 -20.12 -17.46
N THR A 88 -12.25 -20.19 -16.20
CA THR A 88 -12.79 -19.27 -15.21
C THR A 88 -12.46 -17.81 -15.49
N ASP A 89 -11.36 -17.55 -16.22
CA ASP A 89 -10.88 -16.19 -16.51
C ASP A 89 -11.53 -15.55 -17.70
N GLY A 90 -12.43 -16.29 -18.31
CA GLY A 90 -13.23 -15.77 -19.41
C GLY A 90 -12.53 -15.85 -20.72
N SER A 91 -11.30 -16.27 -20.73
CA SER A 91 -10.60 -16.48 -21.98
C SER A 91 -11.22 -17.68 -22.72
N LYS A 92 -11.11 -17.71 -24.07
CA LYS A 92 -11.71 -18.81 -24.85
C LYS A 92 -10.90 -20.05 -24.84
N VAL A 93 -11.56 -21.25 -24.80
CA VAL A 93 -10.80 -22.48 -24.88
C VAL A 93 -10.42 -22.67 -26.34
N GLY A 94 -9.16 -22.56 -26.64
CA GLY A 94 -8.66 -22.95 -27.98
C GLY A 94 -7.85 -24.19 -27.80
N TYR A 95 -6.68 -24.01 -27.23
CA TYR A 95 -5.77 -25.07 -27.01
C TYR A 95 -6.34 -26.08 -26.02
N THR A 96 -6.18 -27.36 -26.31
CA THR A 96 -6.48 -28.43 -25.34
C THR A 96 -5.38 -29.50 -25.30
N LYS A 97 -5.13 -30.15 -24.15
CA LYS A 97 -4.22 -31.25 -24.08
C LYS A 97 -4.79 -32.34 -23.20
N TRP A 98 -5.97 -32.84 -23.54
CA TRP A 98 -6.59 -33.97 -22.78
C TRP A 98 -5.80 -35.22 -22.83
N ALA A 99 -5.57 -35.84 -21.68
CA ALA A 99 -4.99 -37.15 -21.66
C ALA A 99 -5.90 -38.15 -22.38
N GLY A 100 -5.34 -39.30 -22.72
CA GLY A 100 -6.07 -40.36 -23.37
C GLY A 100 -7.30 -40.72 -22.60
N GLY A 101 -8.43 -40.74 -23.30
CA GLY A 101 -9.75 -41.00 -22.72
C GLY A 101 -10.41 -39.95 -21.85
N GLU A 102 -9.75 -38.79 -21.72
CA GLU A 102 -10.36 -37.67 -20.99
C GLU A 102 -10.90 -36.63 -22.01
N PRO A 103 -11.87 -35.81 -21.61
CA PRO A 103 -12.53 -35.83 -20.26
C PRO A 103 -13.55 -36.96 -20.23
N ASN A 104 -13.63 -37.73 -19.19
CA ASN A 104 -14.56 -38.83 -19.18
C ASN A 104 -15.71 -38.67 -18.22
N ASN A 105 -15.82 -37.54 -17.50
CA ASN A 105 -16.94 -37.29 -16.59
C ASN A 105 -17.22 -38.51 -15.71
N HIS A 106 -16.14 -39.04 -15.13
CA HIS A 106 -16.23 -40.37 -14.51
C HIS A 106 -17.30 -40.38 -13.45
N ASN A 107 -18.04 -41.49 -13.39
CA ASN A 107 -19.19 -41.56 -12.47
C ASN A 107 -20.16 -40.42 -12.57
N ASN A 108 -20.28 -39.83 -13.78
CA ASN A 108 -21.13 -38.71 -14.02
C ASN A 108 -20.91 -37.49 -13.14
N ALA A 109 -19.69 -37.28 -12.64
CA ALA A 109 -19.41 -36.32 -11.59
C ALA A 109 -18.01 -35.77 -11.63
N GLU A 110 -17.55 -35.36 -12.80
CA GLU A 110 -16.25 -34.76 -12.90
C GLU A 110 -16.37 -33.52 -13.76
N ASP A 111 -16.29 -32.38 -13.09
CA ASP A 111 -16.43 -31.12 -13.76
C ASP A 111 -15.20 -30.18 -13.74
N TYR A 112 -14.06 -30.64 -13.25
CA TYR A 112 -12.95 -29.75 -12.86
C TYR A 112 -11.66 -30.23 -13.46
N GLY A 113 -11.01 -29.35 -14.24
CA GLY A 113 -9.80 -29.70 -14.97
C GLY A 113 -8.50 -29.60 -14.17
N GLN A 114 -7.53 -30.47 -14.48
CA GLN A 114 -6.28 -30.51 -13.79
C GLN A 114 -5.20 -31.12 -14.73
N PHE A 115 -3.94 -30.73 -14.55
CA PHE A 115 -2.81 -31.49 -15.13
C PHE A 115 -2.56 -32.78 -14.34
N ARG A 116 -2.27 -33.85 -15.06
CA ARG A 116 -1.50 -34.97 -14.52
C ARG A 116 -0.02 -34.62 -14.39
N HIS A 117 0.69 -35.35 -13.53
CA HIS A 117 2.11 -35.11 -13.36
C HIS A 117 2.92 -35.82 -14.46
N THR A 118 2.22 -36.55 -15.30
CA THR A 118 2.89 -37.35 -16.39
C THR A 118 2.55 -36.76 -17.75
N GLU A 119 3.31 -37.19 -18.76
CA GLU A 119 3.01 -36.87 -20.15
C GLU A 119 2.89 -35.35 -20.42
N GLY A 120 3.83 -34.58 -19.88
CA GLY A 120 3.86 -33.14 -20.11
C GLY A 120 2.69 -32.35 -19.50
N GLY A 121 1.96 -33.00 -18.61
CA GLY A 121 0.80 -32.34 -17.95
C GLY A 121 -0.51 -32.54 -18.63
N ALA A 122 -0.66 -33.62 -19.38
CA ALA A 122 -1.92 -33.84 -20.06
C ALA A 122 -3.09 -33.83 -19.02
N TRP A 123 -4.21 -33.27 -19.47
CA TRP A 123 -5.32 -32.89 -18.65
C TRP A 123 -6.26 -34.05 -18.35
N ASN A 124 -6.82 -34.01 -17.12
CA ASN A 124 -7.89 -34.86 -16.67
C ASN A 124 -9.01 -33.97 -16.05
N ASP A 125 -10.25 -34.42 -16.17
CA ASP A 125 -11.35 -33.92 -15.39
C ASP A 125 -11.49 -34.73 -14.10
N ASN A 126 -11.79 -34.01 -13.03
CA ASN A 126 -11.94 -34.67 -11.75
C ASN A 126 -13.13 -34.03 -10.99
N SER A 127 -13.40 -34.56 -9.82
CA SER A 127 -14.61 -34.21 -9.12
C SER A 127 -14.46 -33.03 -8.15
N ALA A 128 -15.57 -32.63 -7.56
CA ALA A 128 -15.51 -31.54 -6.58
C ALA A 128 -14.97 -31.91 -5.25
N ALA A 129 -14.84 -33.18 -5.00
CA ALA A 129 -14.24 -33.66 -3.76
C ALA A 129 -12.78 -34.00 -3.89
N ALA A 130 -12.27 -34.16 -5.13
CA ALA A 130 -10.87 -34.41 -5.36
C ALA A 130 -10.02 -33.25 -4.88
N GLN A 131 -8.77 -33.56 -4.58
CA GLN A 131 -7.86 -32.53 -4.17
C GLN A 131 -6.60 -32.58 -5.03
N ALA A 132 -5.94 -31.42 -5.17
CA ALA A 132 -4.80 -31.22 -6.01
C ALA A 132 -4.10 -29.96 -5.58
N LYS A 133 -2.87 -29.78 -6.13
CA LYS A 133 -2.10 -28.55 -5.96
C LYS A 133 -2.74 -27.50 -6.88
N TYR A 134 -2.30 -26.24 -6.85
CA TYR A 134 -2.88 -25.28 -7.77
C TYR A 134 -1.90 -24.19 -8.19
N MET A 135 -2.24 -23.59 -9.30
CA MET A 135 -1.43 -22.54 -9.87
C MET A 135 -2.35 -21.34 -10.23
N CYS A 136 -1.90 -20.15 -9.87
CA CYS A 136 -2.59 -18.95 -10.25
C CYS A 136 -1.86 -18.18 -11.34
N LYS A 137 -2.60 -17.31 -12.00
CA LYS A 137 -2.08 -16.54 -13.16
C LYS A 137 -2.66 -15.18 -13.00
N LEU A 138 -1.84 -14.15 -13.27
CA LEU A 138 -2.31 -12.80 -13.45
C LEU A 138 -2.59 -12.44 -14.89
N THR A 139 -3.73 -11.77 -15.09
CA THR A 139 -4.09 -11.24 -16.40
C THR A 139 -4.31 -9.72 -16.22
N PHE A 140 -3.62 -8.93 -17.06
CA PHE A 140 -3.73 -7.48 -17.04
C PHE A 140 -4.77 -7.06 -18.00
N GLU A 141 -5.95 -6.91 -17.41
CA GLU A 141 -7.21 -6.68 -18.10
C GLU A 141 -7.36 -5.23 -18.44
N MET B 1 7.72 -8.08 -24.21
CA MET B 1 6.72 -8.62 -23.24
C MET B 1 6.90 -7.78 -22.02
N ASN B 2 5.82 -7.49 -21.32
CA ASN B 2 5.99 -6.89 -20.01
C ASN B 2 4.81 -7.33 -19.19
N GLN B 3 4.89 -7.12 -17.91
CA GLN B 3 3.78 -7.47 -17.05
C GLN B 3 3.20 -6.24 -16.32
N CYS B 4 3.25 -5.08 -16.94
CA CYS B 4 2.56 -3.90 -16.43
C CYS B 4 1.04 -3.99 -16.66
N PRO B 5 0.26 -3.51 -15.70
CA PRO B 5 -1.17 -3.32 -15.87
C PRO B 5 -1.43 -2.42 -17.08
N THR B 6 -2.56 -2.69 -17.71
CA THR B 6 -3.02 -1.90 -18.82
C THR B 6 -2.96 -0.39 -18.52
N ASP B 7 -2.54 0.35 -19.54
CA ASP B 7 -2.34 1.79 -19.44
C ASP B 7 -1.06 2.22 -18.69
N TRP B 8 -0.28 1.28 -18.24
CA TRP B 8 0.95 1.59 -17.55
C TRP B 8 2.10 1.10 -18.48
N GLU B 9 3.21 1.81 -18.41
CA GLU B 9 4.38 1.51 -19.27
C GLU B 9 5.54 0.93 -18.50
N ALA B 10 6.23 -0.07 -19.10
CA ALA B 10 7.28 -0.81 -18.45
C ALA B 10 8.65 -0.15 -18.67
N GLU B 11 9.45 -0.02 -17.62
CA GLU B 11 10.87 0.30 -17.77
C GLU B 11 11.58 -0.29 -16.57
N GLY B 12 12.62 -1.13 -16.78
CA GLY B 12 13.28 -1.85 -15.72
C GLY B 12 12.36 -2.73 -14.94
N ASP B 13 12.50 -2.65 -13.65
CA ASP B 13 11.64 -3.25 -12.65
C ASP B 13 10.33 -2.52 -12.31
N HIS B 14 9.99 -1.47 -13.03
CA HIS B 14 8.88 -0.63 -12.65
C HIS B 14 7.88 -0.47 -13.74
N CYS B 15 6.69 0.01 -13.36
CA CYS B 15 5.68 0.51 -14.32
C CYS B 15 5.41 1.98 -14.08
N TYR B 16 5.14 2.74 -15.15
CA TYR B 16 4.92 4.18 -15.04
C TYR B 16 3.64 4.60 -15.75
N ARG B 17 3.01 5.67 -15.30
CA ARG B 17 1.81 6.18 -15.95
C ARG B 17 1.68 7.67 -15.84
N PHE B 18 1.63 8.29 -17.00
CA PHE B 18 1.46 9.73 -17.11
C PHE B 18 0.00 10.19 -17.08
N PHE B 19 -0.30 11.21 -16.28
CA PHE B 19 -1.59 11.78 -16.23
C PHE B 19 -1.53 13.24 -16.69
N ASN B 20 -2.21 13.49 -17.82
CA ASN B 20 -2.08 14.78 -18.52
C ASN B 20 -3.09 15.77 -18.01
N THR B 21 -3.20 15.90 -16.69
CA THR B 21 -4.12 16.79 -16.07
C THR B 21 -3.45 17.67 -15.00
N LEU B 22 -3.63 18.99 -15.15
CA LEU B 22 -3.22 19.91 -14.12
C LEU B 22 -3.81 19.62 -12.77
N THR B 23 -2.95 19.47 -11.78
CA THR B 23 -3.39 19.36 -10.43
C THR B 23 -2.31 19.79 -9.43
N THR B 24 -2.69 19.91 -8.20
CA THR B 24 -1.79 20.25 -7.11
C THR B 24 -0.95 19.04 -6.77
N TRP B 25 0.17 19.29 -6.13
CA TRP B 25 1.08 18.16 -5.74
C TRP B 25 0.32 17.18 -4.81
N GLU B 26 -0.37 17.74 -3.81
CA GLU B 26 -1.13 16.90 -2.88
C GLU B 26 -2.16 16.00 -3.54
N ASN B 27 -2.91 16.54 -4.51
CA ASN B 27 -3.86 15.71 -5.21
C ASN B 27 -3.19 14.69 -6.09
N ALA B 28 -2.07 15.06 -6.73
CA ALA B 28 -1.37 14.12 -7.60
C ALA B 28 -0.88 12.96 -6.72
N HIS B 29 -0.41 13.28 -5.50
CA HIS B 29 0.13 12.28 -4.57
C HIS B 29 -1.00 11.28 -4.27
N HIS B 30 -2.18 11.77 -3.90
CA HIS B 30 -3.31 10.83 -3.68
C HIS B 30 -3.64 10.06 -4.94
N GLU B 31 -3.73 10.72 -6.07
CA GLU B 31 -4.09 10.01 -7.27
C GLU B 31 -3.12 8.82 -7.49
N CYS B 32 -1.83 9.07 -7.38
CA CYS B 32 -0.90 7.99 -7.59
C CYS B 32 -1.08 6.88 -6.57
N VAL B 33 -1.23 7.23 -5.32
CA VAL B 33 -1.30 6.22 -4.28
C VAL B 33 -2.51 5.38 -4.47
N SER B 34 -3.57 5.95 -5.08
CA SER B 34 -4.83 5.28 -5.28
C SER B 34 -4.73 4.02 -6.17
N TYR B 35 -3.62 3.84 -6.90
CA TYR B 35 -3.44 2.68 -7.79
C TYR B 35 -2.75 1.57 -7.09
N SER B 36 -2.49 1.73 -5.78
CA SER B 36 -1.80 0.67 -5.06
C SER B 36 -2.63 -0.58 -4.97
N CYS B 37 -1.97 -1.73 -4.79
CA CYS B 37 -2.72 -2.90 -4.53
CA CYS B 37 -2.66 -3.00 -4.66
C CYS B 37 -2.07 -3.79 -3.49
N SER B 38 -2.71 -3.82 -2.33
CA SER B 38 -2.13 -4.53 -1.21
C SER B 38 -2.06 -6.03 -1.41
N THR B 39 -3.01 -6.60 -2.16
CA THR B 39 -3.05 -8.07 -2.26
C THR B 39 -1.85 -8.60 -3.10
N LEU B 40 -1.24 -7.75 -3.94
CA LEU B 40 -0.06 -8.13 -4.68
C LEU B 40 1.18 -7.38 -4.23
N ASN B 41 1.10 -6.67 -3.09
CA ASN B 41 2.21 -5.89 -2.56
C ASN B 41 2.75 -4.88 -3.59
N VAL B 42 1.84 -4.27 -4.33
CA VAL B 42 2.18 -3.23 -5.29
C VAL B 42 1.94 -1.89 -4.63
N ARG B 43 2.99 -1.09 -4.59
CA ARG B 43 2.88 0.25 -4.03
C ARG B 43 2.92 1.21 -5.22
N SER B 44 1.92 2.10 -5.30
CA SER B 44 1.92 3.12 -6.33
C SER B 44 2.14 4.45 -5.70
N ASP B 45 2.88 5.32 -6.36
CA ASP B 45 3.22 6.60 -5.77
C ASP B 45 3.66 7.58 -6.87
N LEU B 46 3.86 8.81 -6.49
CA LEU B 46 4.57 9.73 -7.40
C LEU B 46 5.94 9.20 -7.78
N VAL B 47 6.38 9.46 -9.02
CA VAL B 47 7.62 8.90 -9.50
C VAL B 47 8.79 9.38 -8.67
N SER B 48 9.68 8.46 -8.40
CA SER B 48 11.01 8.71 -7.81
C SER B 48 12.02 8.38 -8.90
N VAL B 49 13.15 9.08 -8.88
CA VAL B 49 14.10 9.01 -10.02
C VAL B 49 15.47 8.73 -9.47
N HIS B 50 16.10 7.66 -9.99
CA HIS B 50 17.33 7.13 -9.42
C HIS B 50 18.54 7.03 -10.31
N SER B 51 18.38 7.52 -11.49
CA SER B 51 19.48 7.56 -12.46
C SER B 51 19.19 8.45 -13.62
N ALA B 52 20.26 8.77 -14.37
CA ALA B 52 20.03 9.52 -15.61
C ALA B 52 19.10 8.83 -16.62
N ALA B 53 19.16 7.51 -16.71
CA ALA B 53 18.30 6.74 -17.60
C ALA B 53 16.84 6.85 -17.13
N GLU B 54 16.63 6.79 -15.83
CA GLU B 54 15.26 6.90 -15.30
C GLU B 54 14.70 8.31 -15.51
N GLN B 55 15.56 9.32 -15.32
CA GLN B 55 15.16 10.71 -15.57
C GLN B 55 14.73 10.87 -17.05
N ALA B 56 15.62 10.44 -17.94
CA ALA B 56 15.29 10.57 -19.37
C ALA B 56 14.05 9.81 -19.82
N TYR B 57 13.93 8.59 -19.33
CA TYR B 57 12.77 7.73 -19.64
C TYR B 57 11.49 8.50 -19.23
N VAL B 58 11.43 8.98 -17.98
CA VAL B 58 10.27 9.68 -17.51
C VAL B 58 10.02 10.99 -18.31
N PHE B 59 11.07 11.80 -18.49
CA PHE B 59 10.92 13.06 -19.22
C PHE B 59 10.46 12.79 -20.66
N ASN B 60 11.09 11.85 -21.33
CA ASN B 60 10.71 11.63 -22.74
C ASN B 60 9.33 11.01 -22.87
N TYR B 61 8.96 10.16 -21.93
CA TYR B 61 7.59 9.66 -21.87
C TYR B 61 6.62 10.78 -21.75
N TRP B 62 6.79 11.69 -20.78
CA TRP B 62 5.98 12.85 -20.61
C TRP B 62 5.89 13.67 -21.90
N ARG B 63 7.07 14.02 -22.45
CA ARG B 63 7.06 15.08 -23.51
C ARG B 63 6.64 14.43 -24.83
N GLY B 64 6.74 13.11 -24.91
CA GLY B 64 6.22 12.31 -26.05
C GLY B 64 4.76 12.57 -26.26
N ILE B 65 4.07 12.96 -25.20
CA ILE B 65 2.67 13.08 -25.16
C ILE B 65 2.24 14.50 -24.89
N ASP B 66 2.96 15.30 -24.09
CA ASP B 66 2.47 16.61 -23.69
C ASP B 66 3.46 17.55 -24.31
N SER B 67 3.00 18.39 -25.22
CA SER B 67 3.94 19.36 -25.76
C SER B 67 3.64 20.78 -25.22
N GLN B 68 2.76 20.93 -24.21
CA GLN B 68 2.52 22.25 -23.58
C GLN B 68 3.67 22.61 -22.68
N ALA B 69 3.96 23.89 -22.61
CA ALA B 69 4.93 24.34 -21.66
C ALA B 69 4.30 24.15 -20.27
N GLY B 70 5.09 23.63 -19.31
CA GLY B 70 4.57 23.40 -18.00
C GLY B 70 5.49 22.43 -17.27
N GLN B 71 5.04 21.90 -16.13
CA GLN B 71 5.91 21.10 -15.25
C GLN B 71 5.27 19.76 -14.97
N LEU B 72 6.06 18.84 -14.41
CA LEU B 72 5.59 17.47 -14.08
C LEU B 72 5.90 17.22 -12.62
N TRP B 73 4.88 17.06 -11.78
CA TRP B 73 5.15 16.72 -10.40
C TRP B 73 5.84 15.35 -10.28
N ILE B 74 6.80 15.28 -9.36
CA ILE B 74 7.49 14.07 -8.94
C ILE B 74 7.35 13.94 -7.45
N GLY B 75 7.73 12.76 -6.97
CA GLY B 75 7.65 12.43 -5.57
C GLY B 75 8.62 13.06 -4.59
N LEU B 76 9.26 14.15 -4.94
CA LEU B 76 10.36 14.71 -4.19
C LEU B 76 9.76 15.81 -3.35
N TYR B 77 10.11 15.88 -2.06
CA TYR B 77 9.58 16.90 -1.18
C TYR B 77 10.40 17.16 0.06
N ASP B 78 10.25 18.35 0.63
CA ASP B 78 10.93 18.68 1.88
C ASP B 78 9.95 19.20 2.93
N LYS B 79 8.72 18.78 2.83
CA LYS B 79 7.64 19.22 3.73
C LYS B 79 7.92 19.00 5.21
N TYR B 80 8.54 17.88 5.55
CA TYR B 80 8.74 17.48 6.94
C TYR B 80 10.13 17.82 7.43
N ASN B 81 10.96 18.40 6.60
CA ASN B 81 12.30 18.81 7.02
C ASN B 81 12.85 19.74 5.99
N GLU B 82 12.61 21.02 6.22
CA GLU B 82 12.88 22.07 5.27
C GLU B 82 14.36 21.98 4.86
N GLY B 83 14.58 21.95 3.52
CA GLY B 83 15.91 21.90 2.93
C GLY B 83 16.46 20.53 2.63
N ASP B 84 15.80 19.49 3.10
CA ASP B 84 16.25 18.09 2.85
C ASP B 84 15.20 17.38 1.96
N PHE B 85 15.45 17.34 0.64
CA PHE B 85 14.51 16.71 -0.26
C PHE B 85 14.64 15.21 -0.29
N ILE B 86 13.51 14.58 -0.06
CA ILE B 86 13.36 13.13 -0.02
C ILE B 86 12.24 12.68 -0.94
N TRP B 87 12.14 11.36 -1.13
CA TRP B 87 11.08 10.78 -1.96
C TRP B 87 9.95 10.27 -1.12
N THR B 88 8.71 10.50 -1.56
CA THR B 88 7.56 9.97 -0.84
C THR B 88 7.53 8.44 -0.72
N ASP B 89 8.19 7.73 -1.64
CA ASP B 89 8.13 6.27 -1.67
C ASP B 89 9.18 5.64 -0.78
N GLY B 90 9.99 6.47 -0.08
CA GLY B 90 10.96 6.06 0.87
C GLY B 90 12.28 5.57 0.26
N SER B 91 12.43 5.65 -1.05
CA SER B 91 13.68 5.27 -1.73
C SER B 91 14.77 6.29 -1.46
N LYS B 92 16.01 5.97 -1.78
CA LYS B 92 17.14 6.81 -1.38
C LYS B 92 17.38 7.93 -2.37
N VAL B 93 17.92 9.08 -1.96
CA VAL B 93 18.11 10.16 -2.93
C VAL B 93 19.56 10.36 -3.44
N GLY B 94 20.01 9.42 -4.24
CA GLY B 94 21.31 9.53 -4.84
C GLY B 94 21.34 10.40 -6.08
N TYR B 95 20.30 10.32 -6.88
CA TYR B 95 20.24 11.02 -8.10
C TYR B 95 19.49 12.35 -7.86
N THR B 96 20.08 13.41 -8.39
CA THR B 96 19.48 14.76 -8.39
C THR B 96 19.67 15.41 -9.75
N LYS B 97 18.78 16.35 -10.13
CA LYS B 97 18.93 17.09 -11.35
C LYS B 97 18.41 18.52 -11.21
N TRP B 98 18.91 19.24 -10.22
CA TRP B 98 18.35 20.55 -9.91
C TRP B 98 18.62 21.54 -11.03
N ALA B 99 17.61 22.30 -11.39
CA ALA B 99 17.86 23.49 -12.30
C ALA B 99 18.75 24.50 -11.58
N GLY B 100 19.48 25.34 -12.31
CA GLY B 100 20.30 26.33 -11.64
C GLY B 100 19.51 27.23 -10.67
N GLY B 101 20.07 27.40 -9.49
CA GLY B 101 19.48 28.26 -8.49
C GLY B 101 18.40 27.54 -7.68
N GLU B 102 18.16 26.27 -7.99
CA GLU B 102 17.14 25.44 -7.28
C GLU B 102 17.77 24.40 -6.44
N PRO B 103 17.13 23.98 -5.32
CA PRO B 103 15.89 24.48 -4.82
C PRO B 103 16.12 25.77 -4.09
N ASN B 104 15.15 26.61 -4.17
CA ASN B 104 15.22 27.93 -3.51
C ASN B 104 14.18 28.22 -2.47
N ASN B 105 13.23 27.31 -2.22
CA ASN B 105 12.24 27.48 -1.15
C ASN B 105 11.64 28.89 -1.25
N HIS B 106 11.25 29.28 -2.42
CA HIS B 106 10.92 30.69 -2.67
C HIS B 106 9.75 31.21 -1.82
N ASN B 107 9.92 32.39 -1.22
CA ASN B 107 9.03 32.91 -0.20
C ASN B 107 8.69 31.95 0.95
N ASN B 108 9.64 31.12 1.31
CA ASN B 108 9.48 30.12 2.34
C ASN B 108 8.25 29.27 2.16
N ALA B 109 7.96 28.90 0.93
CA ALA B 109 6.79 28.13 0.71
C ALA B 109 6.92 27.15 -0.42
N GLU B 110 8.10 26.68 -0.76
CA GLU B 110 8.21 25.72 -1.84
C GLU B 110 8.76 24.40 -1.33
N ASP B 111 7.91 23.38 -1.27
CA ASP B 111 8.32 22.13 -0.69
C ASP B 111 8.17 20.94 -1.60
N TYR B 112 7.79 21.18 -2.87
CA TYR B 112 7.34 20.07 -3.71
C TYR B 112 8.07 20.07 -5.03
N GLY B 113 8.62 18.94 -5.42
CA GLY B 113 9.52 18.87 -6.58
C GLY B 113 8.77 18.59 -7.89
N GLN B 114 9.29 19.15 -8.99
CA GLN B 114 8.71 18.94 -10.32
C GLN B 114 9.79 19.05 -11.38
N PHE B 115 9.64 18.32 -12.49
CA PHE B 115 10.45 18.58 -13.69
C PHE B 115 9.93 19.87 -14.34
N ARG B 116 10.89 20.70 -14.79
CA ARG B 116 10.64 21.64 -15.91
C ARG B 116 10.46 20.92 -17.25
N HIS B 117 9.81 21.57 -18.23
CA HIS B 117 9.72 20.93 -19.57
C HIS B 117 10.98 21.14 -20.43
N THR B 118 11.90 21.92 -19.90
CA THR B 118 13.19 22.19 -20.57
C THR B 118 14.42 21.54 -19.85
N GLU B 119 15.59 21.60 -20.47
CA GLU B 119 16.83 21.04 -19.95
C GLU B 119 16.76 19.61 -19.43
N GLY B 120 16.11 18.75 -20.20
CA GLY B 120 16.04 17.36 -19.91
C GLY B 120 15.19 17.07 -18.66
N GLY B 121 14.35 18.03 -18.25
CA GLY B 121 13.46 17.89 -17.07
C GLY B 121 14.13 18.28 -15.79
N ALA B 122 14.96 19.32 -15.85
CA ALA B 122 15.68 19.80 -14.62
C ALA B 122 14.66 20.20 -13.57
N TRP B 123 15.02 19.93 -12.33
CA TRP B 123 14.07 20.05 -11.22
C TRP B 123 13.90 21.44 -10.57
N ASN B 124 12.70 21.73 -10.12
CA ASN B 124 12.35 22.90 -9.40
C ASN B 124 11.54 22.51 -8.18
N ASP B 125 11.72 23.23 -7.08
CA ASP B 125 10.76 23.14 -5.98
C ASP B 125 9.70 24.19 -6.17
N ASN B 126 8.45 23.81 -5.91
CA ASN B 126 7.29 24.69 -6.04
C ASN B 126 6.33 24.50 -4.88
N SER B 127 5.28 25.30 -4.84
CA SER B 127 4.40 25.44 -3.68
C SER B 127 3.24 24.43 -3.70
N ALA B 128 2.50 24.46 -2.59
CA ALA B 128 1.29 23.64 -2.41
C ALA B 128 0.07 24.17 -3.18
N ALA B 129 0.16 25.41 -3.66
CA ALA B 129 -0.89 26.04 -4.47
C ALA B 129 -0.71 25.83 -5.93
N ALA B 130 0.52 25.63 -6.36
CA ALA B 130 0.85 25.44 -7.76
C ALA B 130 0.27 24.21 -8.37
N GLN B 131 0.04 24.24 -9.65
CA GLN B 131 -0.43 23.09 -10.40
C GLN B 131 0.50 22.65 -11.51
N ALA B 132 0.46 21.35 -11.81
CA ALA B 132 1.22 20.74 -12.82
C ALA B 132 0.63 19.37 -13.24
N LYS B 133 1.20 18.77 -14.30
CA LYS B 133 0.87 17.42 -14.78
C LYS B 133 1.52 16.48 -13.77
N TYR B 134 1.28 15.19 -13.84
CA TYR B 134 1.98 14.28 -12.89
C TYR B 134 2.21 12.88 -13.45
N MET B 135 3.12 12.15 -12.78
CA MET B 135 3.49 10.85 -13.24
C MET B 135 3.57 9.91 -12.04
N CYS B 136 2.98 8.72 -12.20
CA CYS B 136 3.00 7.71 -11.16
C CYS B 136 3.89 6.54 -11.54
N LYS B 137 4.30 5.83 -10.51
CA LYS B 137 5.24 4.72 -10.61
C LYS B 137 4.81 3.58 -9.73
N LEU B 138 4.82 2.38 -10.27
CA LEU B 138 4.61 1.18 -9.47
C LEU B 138 5.94 0.59 -8.98
N THR B 139 5.92 0.21 -7.73
CA THR B 139 6.95 -0.59 -7.09
C THR B 139 6.40 -1.89 -6.59
N PHE B 140 7.06 -2.97 -7.01
CA PHE B 140 6.64 -4.32 -6.63
C PHE B 140 7.46 -4.75 -5.43
N GLU B 141 6.90 -4.50 -4.29
CA GLU B 141 7.62 -4.68 -3.05
C GLU B 141 7.73 -6.16 -2.74
N MET C 1 -4.81 -3.13 22.46
CA MET C 1 -4.92 -2.69 21.05
C MET C 1 -4.55 -1.24 20.88
N ASN C 2 -4.00 -0.95 19.72
CA ASN C 2 -3.62 0.43 19.39
C ASN C 2 -3.67 0.59 17.90
N GLN C 3 -3.40 1.82 17.46
CA GLN C 3 -3.45 2.09 16.08
C GLN C 3 -2.09 2.53 15.49
N CYS C 4 -1.01 2.09 16.15
CA CYS C 4 0.34 2.39 15.61
C CYS C 4 0.74 1.42 14.50
N PRO C 5 1.46 1.90 13.50
CA PRO C 5 2.11 0.99 12.59
C PRO C 5 2.95 -0.06 13.27
N THR C 6 3.12 -1.13 12.53
CA THR C 6 3.86 -2.27 13.05
C THR C 6 5.29 -1.88 13.35
N ASP C 7 5.77 -2.37 14.49
CA ASP C 7 7.15 -2.03 14.93
C ASP C 7 7.26 -0.63 15.57
N TRP C 8 6.13 0.09 15.70
CA TRP C 8 6.06 1.29 16.52
C TRP C 8 5.25 1.01 17.78
N GLU C 9 5.54 1.74 18.86
CA GLU C 9 4.85 1.61 20.13
C GLU C 9 3.96 2.83 20.44
N ALA C 10 2.80 2.56 20.99
CA ALA C 10 1.85 3.54 21.36
C ALA C 10 2.04 4.07 22.72
N GLU C 11 1.93 5.38 22.84
CA GLU C 11 1.79 6.02 24.12
C GLU C 11 1.05 7.34 23.90
N GLY C 12 -0.07 7.52 24.59
CA GLY C 12 -0.88 8.68 24.38
C GLY C 12 -1.32 8.87 22.94
N ASP C 13 -1.15 10.08 22.45
CA ASP C 13 -1.56 10.39 21.10
C ASP C 13 -0.44 10.24 20.08
N HIS C 14 0.58 9.43 20.39
CA HIS C 14 1.75 9.31 19.55
C HIS C 14 2.17 7.88 19.41
N CYS C 15 3.03 7.64 18.43
CA CYS C 15 3.75 6.38 18.34
C CYS C 15 5.23 6.68 18.35
N TYR C 16 6.01 5.68 18.81
CA TYR C 16 7.48 5.82 19.03
C TYR C 16 8.14 4.62 18.47
N ARG C 17 9.37 4.78 18.02
CA ARG C 17 10.18 3.71 17.58
C ARG C 17 11.63 3.94 17.85
N PHE C 18 12.21 3.04 18.65
CA PHE C 18 13.62 3.04 18.97
C PHE C 18 14.43 2.32 17.91
N PHE C 19 15.47 2.95 17.43
CA PHE C 19 16.42 2.44 16.49
C PHE C 19 17.77 2.20 17.17
N ASN C 20 18.10 0.94 17.32
CA ASN C 20 19.29 0.55 18.09
C ASN C 20 20.53 0.48 17.23
N THR C 21 20.89 1.63 16.69
CA THR C 21 21.94 1.75 15.76
C THR C 21 22.67 3.03 16.06
N LEU C 22 23.98 2.98 16.27
CA LEU C 22 24.76 4.18 16.49
C LEU C 22 24.88 5.00 15.28
N THR C 23 24.52 6.28 15.38
CA THR C 23 24.67 7.16 14.21
C THR C 23 24.81 8.62 14.64
N THR C 24 25.02 9.46 13.67
CA THR C 24 25.11 10.88 13.92
C THR C 24 23.70 11.49 14.08
N TRP C 25 23.65 12.66 14.68
CA TRP C 25 22.37 13.35 14.84
C TRP C 25 21.69 13.61 13.49
N GLU C 26 22.47 14.14 12.54
CA GLU C 26 21.97 14.48 11.23
C GLU C 26 21.40 13.28 10.47
N ASN C 27 22.09 12.14 10.57
CA ASN C 27 21.57 10.95 9.96
C ASN C 27 20.34 10.39 10.69
N ALA C 28 20.33 10.51 11.98
CA ALA C 28 19.17 10.04 12.76
C ALA C 28 17.93 10.89 12.40
N HIS C 29 18.16 12.20 12.26
CA HIS C 29 17.08 13.13 11.84
C HIS C 29 16.45 12.71 10.49
N HIS C 30 17.29 12.55 9.49
CA HIS C 30 16.91 12.08 8.16
C HIS C 30 16.19 10.73 8.24
N GLU C 31 16.76 9.81 8.98
CA GLU C 31 16.12 8.51 9.12
C GLU C 31 14.68 8.65 9.63
N CYS C 32 14.52 9.37 10.75
CA CYS C 32 13.16 9.54 11.29
C CYS C 32 12.26 10.22 10.32
N VAL C 33 12.72 11.24 9.63
CA VAL C 33 11.79 11.97 8.74
C VAL C 33 11.34 11.12 7.57
N SER C 34 12.22 10.21 7.10
CA SER C 34 11.95 9.33 5.97
C SER C 34 10.64 8.53 6.07
N TYR C 35 10.17 8.22 7.27
CA TYR C 35 8.95 7.45 7.47
C TYR C 35 7.66 8.29 7.23
N SER C 36 7.75 9.62 7.19
CA SER C 36 6.54 10.50 7.16
C SER C 36 5.61 10.13 6.01
N CYS C 37 4.36 10.41 6.21
CA CYS C 37 3.27 10.03 5.29
CA CYS C 37 3.37 10.10 5.22
C CYS C 37 2.40 11.25 5.06
N SER C 38 2.62 11.96 3.99
CA SER C 38 1.78 13.12 3.65
C SER C 38 0.32 12.72 3.32
N THR C 39 0.03 11.51 2.77
CA THR C 39 -1.35 11.15 2.46
C THR C 39 -2.23 11.03 3.73
N LEU C 40 -1.61 10.81 4.87
CA LEU C 40 -2.34 10.79 6.16
C LEU C 40 -1.97 11.92 7.15
N ASN C 41 -1.19 12.87 6.69
CA ASN C 41 -0.60 13.92 7.47
C ASN C 41 0.05 13.39 8.72
N VAL C 42 0.89 12.39 8.51
CA VAL C 42 1.67 11.83 9.61
C VAL C 42 3.12 12.29 9.51
N ARG C 43 3.56 13.08 10.48
CA ARG C 43 4.96 13.49 10.56
C ARG C 43 5.68 12.39 11.31
N SER C 44 6.77 11.89 10.77
CA SER C 44 7.76 11.15 11.57
C SER C 44 8.93 11.99 11.79
N ASP C 45 9.48 12.02 13.00
CA ASP C 45 10.59 12.91 13.30
C ASP C 45 11.34 12.38 14.54
N LEU C 46 12.50 12.97 14.77
CA LEU C 46 13.17 12.70 16.04
C LEU C 46 12.23 13.06 17.20
N VAL C 47 12.27 12.29 18.29
CA VAL C 47 11.37 12.48 19.42
C VAL C 47 11.50 13.90 20.00
N SER C 48 10.37 14.51 20.33
CA SER C 48 10.32 15.73 21.15
C SER C 48 9.64 15.36 22.44
N VAL C 49 9.93 16.07 23.52
CA VAL C 49 9.56 15.64 24.90
C VAL C 49 8.86 16.79 25.57
N HIS C 50 7.66 16.56 26.07
CA HIS C 50 6.85 17.70 26.51
C HIS C 50 6.35 17.65 27.95
N SER C 51 6.78 16.66 28.65
CA SER C 51 6.36 16.47 30.04
C SER C 51 7.31 15.42 30.65
N ALA C 52 7.28 15.32 31.98
CA ALA C 52 8.10 14.35 32.69
C ALA C 52 7.54 12.98 32.38
N ALA C 53 6.24 12.86 32.18
CA ALA C 53 5.70 11.59 31.75
C ALA C 53 6.19 11.09 30.40
N GLU C 54 6.26 11.99 29.39
CA GLU C 54 6.80 11.56 28.11
C GLU C 54 8.27 11.19 28.22
N GLN C 55 9.00 11.96 29.02
CA GLN C 55 10.39 11.75 29.24
C GLN C 55 10.62 10.32 29.74
N ALA C 56 9.90 10.00 30.79
CA ALA C 56 10.04 8.72 31.43
C ALA C 56 9.60 7.62 30.49
N TYR C 57 8.53 7.84 29.73
CA TYR C 57 8.10 6.83 28.77
C TYR C 57 9.22 6.54 27.80
N VAL C 58 9.79 7.61 27.22
CA VAL C 58 10.83 7.39 26.23
C VAL C 58 12.13 6.79 26.80
N PHE C 59 12.51 7.25 27.96
CA PHE C 59 13.69 6.75 28.64
C PHE C 59 13.56 5.25 28.89
N ASN C 60 12.43 4.87 29.48
CA ASN C 60 12.20 3.47 29.79
C ASN C 60 12.01 2.53 28.62
N TYR C 61 11.44 3.04 27.53
CA TYR C 61 11.31 2.29 26.34
C TYR C 61 12.70 1.97 25.83
N TRP C 62 13.50 3.04 25.63
CA TRP C 62 14.88 2.89 25.22
C TRP C 62 15.67 1.89 26.13
N ARG C 63 15.67 2.14 27.45
CA ARG C 63 16.55 1.39 28.38
C ARG C 63 15.99 0.03 28.72
N GLY C 64 14.70 -0.19 28.40
CA GLY C 64 14.15 -1.53 28.35
C GLY C 64 14.84 -2.43 27.34
N ILE C 65 15.32 -1.88 26.22
CA ILE C 65 15.85 -2.61 25.08
C ILE C 65 17.38 -2.63 25.09
N ASP C 66 17.99 -1.50 25.45
CA ASP C 66 19.42 -1.28 25.19
C ASP C 66 20.18 -1.38 26.50
N SER C 67 21.15 -2.29 26.56
CA SER C 67 22.02 -2.36 27.73
C SER C 67 23.26 -1.48 27.67
N GLN C 68 23.61 -0.95 26.52
CA GLN C 68 24.88 -0.25 26.39
C GLN C 68 24.88 1.10 27.04
N ALA C 69 25.98 1.41 27.71
CA ALA C 69 26.23 2.79 28.22
C ALA C 69 26.35 3.69 26.97
N GLY C 70 25.56 4.75 26.94
CA GLY C 70 25.55 5.57 25.76
C GLY C 70 24.39 6.50 25.82
N GLN C 71 24.15 7.15 24.68
CA GLN C 71 23.16 8.24 24.59
C GLN C 71 22.12 8.00 23.48
N LEU C 72 21.03 8.76 23.55
CA LEU C 72 19.93 8.66 22.63
C LEU C 72 19.65 10.07 22.06
N TRP C 73 19.79 10.17 20.76
CA TRP C 73 19.43 11.41 20.06
C TRP C 73 17.95 11.70 20.14
N ILE C 74 17.71 12.98 20.40
CA ILE C 74 16.36 13.56 20.38
C ILE C 74 16.36 14.74 19.45
N GLY C 75 15.17 15.25 19.13
CA GLY C 75 14.96 16.26 18.08
C GLY C 75 15.30 17.68 18.50
N LEU C 76 16.18 17.84 19.48
CA LEU C 76 16.45 19.14 20.08
C LEU C 76 17.77 19.73 19.52
N TYR C 77 17.75 20.96 19.00
CA TYR C 77 19.00 21.52 18.50
C TYR C 77 19.03 23.03 18.50
N ASP C 78 20.27 23.56 18.48
CA ASP C 78 20.43 25.03 18.47
C ASP C 78 21.37 25.58 17.41
N LYS C 79 21.30 24.97 16.25
CA LYS C 79 22.06 25.44 15.09
C LYS C 79 21.67 26.84 14.72
N TYR C 80 20.37 27.17 14.64
CA TYR C 80 19.95 28.47 14.14
C TYR C 80 20.14 29.58 15.17
N ASN C 81 19.93 29.27 16.44
CA ASN C 81 19.98 30.28 17.51
C ASN C 81 20.73 29.63 18.66
N GLU C 82 22.03 29.86 18.68
CA GLU C 82 22.92 29.25 19.72
C GLU C 82 22.36 29.55 21.11
N GLY C 83 22.17 28.49 21.87
CA GLY C 83 21.62 28.58 23.21
C GLY C 83 20.10 28.55 23.32
N ASP C 84 19.36 28.73 22.23
CA ASP C 84 17.89 28.75 22.21
C ASP C 84 17.44 27.55 21.40
N PHE C 85 17.39 26.41 22.09
CA PHE C 85 17.07 25.15 21.41
C PHE C 85 15.63 25.12 20.88
N ILE C 86 15.43 24.42 19.76
CA ILE C 86 14.14 24.16 19.19
C ILE C 86 13.99 22.65 18.91
N TRP C 87 12.73 22.20 18.72
CA TRP C 87 12.49 20.81 18.33
C TRP C 87 12.35 20.77 16.81
N THR C 88 12.99 19.79 16.16
CA THR C 88 12.82 19.62 14.72
C THR C 88 11.35 19.50 14.24
N ASP C 89 10.45 18.97 15.06
CA ASP C 89 9.05 18.81 14.72
C ASP C 89 8.23 20.07 14.78
N GLY C 90 8.86 21.18 15.15
CA GLY C 90 8.18 22.46 15.24
C GLY C 90 7.33 22.67 16.52
N SER C 91 7.28 21.66 17.39
CA SER C 91 6.57 21.82 18.67
C SER C 91 7.41 22.74 19.55
N LYS C 92 6.80 23.35 20.55
CA LYS C 92 7.56 24.38 21.30
C LYS C 92 8.30 23.73 22.45
N VAL C 93 9.48 24.26 22.71
CA VAL C 93 10.29 23.80 23.85
C VAL C 93 9.68 24.41 25.13
N GLY C 94 9.08 23.56 25.94
CA GLY C 94 8.45 23.96 27.23
C GLY C 94 9.22 23.24 28.31
N TYR C 95 8.85 21.99 28.50
CA TYR C 95 9.56 21.06 29.36
C TYR C 95 11.02 20.94 28.92
N THR C 96 11.92 20.98 29.90
CA THR C 96 13.30 20.52 29.69
C THR C 96 13.79 19.71 30.90
N LYS C 97 14.82 18.92 30.66
CA LYS C 97 15.46 18.08 31.67
C LYS C 97 16.96 18.00 31.45
N TRP C 98 17.62 19.16 31.46
CA TRP C 98 19.06 19.15 31.25
C TRP C 98 19.77 18.51 32.45
N ALA C 99 20.77 17.67 32.17
CA ALA C 99 21.73 17.15 33.17
C ALA C 99 22.49 18.31 33.84
N GLY C 100 23.02 18.06 35.04
CA GLY C 100 23.78 19.09 35.78
C GLY C 100 24.92 19.58 34.93
N GLY C 101 25.04 20.91 34.77
CA GLY C 101 26.10 21.46 33.93
C GLY C 101 25.73 21.63 32.45
N GLU C 102 24.55 21.13 32.06
CA GLU C 102 24.18 21.16 30.63
C GLU C 102 23.03 22.17 30.44
N PRO C 103 22.85 22.70 29.21
CA PRO C 103 23.75 22.51 28.08
C PRO C 103 25.02 23.37 28.29
N ASN C 104 26.15 22.92 27.80
CA ASN C 104 27.40 23.67 27.99
C ASN C 104 28.10 24.03 26.69
N ASN C 105 27.56 23.68 25.52
CA ASN C 105 28.14 24.07 24.28
C ASN C 105 29.64 23.86 24.28
N HIS C 106 30.06 22.66 24.65
CA HIS C 106 31.48 22.36 24.91
C HIS C 106 32.30 22.68 23.69
N ASN C 107 33.38 23.44 23.87
CA ASN C 107 34.31 23.77 22.75
C ASN C 107 33.65 24.65 21.65
N ASN C 108 32.62 25.40 22.06
CA ASN C 108 31.72 26.19 21.21
C ASN C 108 31.21 25.39 20.06
N ALA C 109 30.97 24.10 20.28
CA ALA C 109 30.64 23.17 19.20
C ALA C 109 29.68 22.04 19.57
N GLU C 110 28.65 22.32 20.36
CA GLU C 110 27.65 21.24 20.62
C GLU C 110 26.25 21.85 20.40
N ASP C 111 25.63 21.44 19.33
CA ASP C 111 24.36 21.99 18.95
C ASP C 111 23.23 20.98 18.91
N TYR C 112 23.46 19.75 19.41
CA TYR C 112 22.51 18.64 19.21
C TYR C 112 22.18 17.90 20.51
N GLY C 113 20.91 17.79 20.85
CA GLY C 113 20.45 17.17 22.13
C GLY C 113 20.34 15.67 22.13
N GLN C 114 20.57 15.09 23.30
CA GLN C 114 20.49 13.66 23.47
C GLN C 114 20.18 13.39 24.93
N PHE C 115 19.56 12.23 25.21
CA PHE C 115 19.41 11.73 26.59
C PHE C 115 20.72 11.02 26.97
N ARG C 116 21.11 11.15 28.25
CA ARG C 116 22.10 10.28 28.84
C ARG C 116 21.39 9.00 29.22
N HIS C 117 22.15 7.93 29.43
CA HIS C 117 21.51 6.67 29.91
C HIS C 117 21.24 6.55 31.43
N THR C 118 21.67 7.55 32.17
CA THR C 118 21.46 7.68 33.58
C THR C 118 20.57 8.85 33.98
N GLU C 119 20.28 8.92 35.29
CA GLU C 119 19.49 10.06 35.82
C GLU C 119 18.17 10.32 35.05
N GLY C 120 17.48 9.27 34.66
CA GLY C 120 16.13 9.43 34.11
C GLY C 120 16.17 9.96 32.66
N GLY C 121 17.31 9.83 32.00
CA GLY C 121 17.45 10.39 30.63
C GLY C 121 17.78 11.88 30.54
N ALA C 122 18.27 12.45 31.65
CA ALA C 122 18.71 13.85 31.60
C ALA C 122 19.58 14.21 30.39
N TRP C 123 19.30 15.37 29.86
CA TRP C 123 19.77 15.74 28.55
C TRP C 123 21.15 16.34 28.53
N ASN C 124 21.84 16.08 27.44
CA ASN C 124 23.13 16.70 27.13
C ASN C 124 23.12 17.26 25.71
N ASP C 125 23.86 18.33 25.51
CA ASP C 125 24.20 18.79 24.17
C ASP C 125 25.51 18.17 23.72
N ASN C 126 25.53 17.75 22.48
CA ASN C 126 26.71 17.10 21.89
C ASN C 126 26.93 17.57 20.45
N SER C 127 28.01 17.08 19.85
CA SER C 127 28.51 17.62 18.62
C SER C 127 27.94 16.89 17.44
N ALA C 128 28.13 17.47 16.26
CA ALA C 128 27.68 16.80 15.04
C ALA C 128 28.51 15.59 14.60
N ALA C 129 29.63 15.29 15.26
CA ALA C 129 30.41 14.12 14.93
C ALA C 129 30.11 12.97 15.88
N ALA C 130 29.51 13.28 17.03
CA ALA C 130 29.20 12.27 18.04
C ALA C 130 28.19 11.28 17.54
N GLN C 131 28.17 10.12 18.20
CA GLN C 131 27.29 9.05 17.86
C GLN C 131 26.44 8.62 19.00
N ALA C 132 25.17 8.28 18.68
CA ALA C 132 24.19 7.86 19.68
C ALA C 132 23.16 7.00 18.97
N LYS C 133 22.34 6.31 19.75
CA LYS C 133 21.17 5.62 19.23
C LYS C 133 20.11 6.70 18.98
N TYR C 134 18.97 6.30 18.43
CA TYR C 134 17.93 7.31 18.22
C TYR C 134 16.53 6.77 18.32
N MET C 135 15.62 7.70 18.54
CA MET C 135 14.19 7.42 18.75
C MET C 135 13.38 8.36 17.84
N CYS C 136 12.44 7.77 17.15
CA CYS C 136 11.52 8.53 16.30
C CYS C 136 10.13 8.55 16.96
N LYS C 137 9.35 9.53 16.53
CA LYS C 137 8.03 9.78 17.04
C LYS C 137 7.11 10.14 15.87
N LEU C 138 5.91 9.57 15.87
CA LEU C 138 4.84 10.04 14.97
C LEU C 138 3.92 11.03 15.61
N THR C 139 3.63 12.07 14.84
CA THR C 139 2.70 13.12 15.17
C THR C 139 1.62 13.17 14.10
N PHE C 140 0.38 13.08 14.55
CA PHE C 140 -0.79 13.03 13.62
C PHE C 140 -1.28 14.44 13.45
N GLU C 141 -0.76 15.08 12.40
CA GLU C 141 -0.88 16.51 12.25
C GLU C 141 -2.19 16.85 11.60
N MET D 1 -7.54 8.96 24.14
CA MET D 1 -6.46 9.20 23.19
C MET D 1 -6.29 7.97 22.29
N ASN D 2 -5.85 8.21 21.08
CA ASN D 2 -5.68 7.13 20.15
C ASN D 2 -4.58 7.50 19.18
N GLN D 3 -4.19 6.59 18.29
CA GLN D 3 -3.11 6.90 17.39
C GLN D 3 -3.58 6.96 15.98
N CYS D 4 -4.84 7.31 15.77
CA CYS D 4 -5.31 7.49 14.40
C CYS D 4 -4.89 8.81 13.79
N PRO D 5 -4.67 8.82 12.50
CA PRO D 5 -4.44 10.12 11.81
C PRO D 5 -5.66 11.03 11.93
N THR D 6 -5.38 12.31 11.92
CA THR D 6 -6.41 13.33 12.01
C THR D 6 -7.55 13.08 11.03
N ASP D 7 -8.76 13.22 11.58
CA ASP D 7 -10.03 12.98 10.85
C ASP D 7 -10.43 11.52 10.66
N TRP D 8 -9.62 10.61 11.21
CA TRP D 8 -9.97 9.22 11.24
C TRP D 8 -10.36 8.86 12.69
N GLU D 9 -11.23 7.88 12.83
CA GLU D 9 -11.73 7.38 14.11
C GLU D 9 -11.14 5.99 14.44
N ALA D 10 -10.83 5.82 15.70
CA ALA D 10 -10.22 4.58 16.18
C ALA D 10 -11.26 3.59 16.63
N GLU D 11 -11.03 2.34 16.32
CA GLU D 11 -11.83 1.24 16.91
C GLU D 11 -10.99 -0.02 16.82
N GLY D 12 -10.69 -0.63 17.97
CA GLY D 12 -9.78 -1.79 17.98
C GLY D 12 -8.41 -1.46 17.44
N ASP D 13 -7.88 -2.30 16.55
CA ASP D 13 -6.57 -2.07 15.98
C ASP D 13 -6.69 -1.37 14.62
N HIS D 14 -7.80 -0.70 14.36
CA HIS D 14 -7.97 -0.02 13.08
C HIS D 14 -8.40 1.43 13.22
N CYS D 15 -8.29 2.16 12.11
CA CYS D 15 -8.89 3.46 12.01
C CYS D 15 -9.87 3.43 10.84
N TYR D 16 -10.94 4.21 10.97
CA TYR D 16 -12.06 4.26 10.01
C TYR D 16 -12.34 5.75 9.62
N ARG D 17 -12.81 5.95 8.41
CA ARG D 17 -13.21 7.29 8.02
C ARG D 17 -14.34 7.25 7.03
N PHE D 18 -15.42 7.89 7.44
CA PHE D 18 -16.60 8.01 6.60
C PHE D 18 -16.52 9.22 5.69
N PHE D 19 -16.78 8.98 4.40
CA PHE D 19 -16.91 10.03 3.43
C PHE D 19 -18.36 10.21 2.97
N ASN D 20 -18.89 11.40 3.28
CA ASN D 20 -20.31 11.68 3.08
C ASN D 20 -20.51 12.27 1.67
N THR D 21 -20.12 11.49 0.66
CA THR D 21 -20.19 11.85 -0.72
C THR D 21 -20.61 10.64 -1.53
N LEU D 22 -21.56 10.85 -2.45
CA LEU D 22 -22.00 9.83 -3.38
C LEU D 22 -20.98 9.57 -4.43
N THR D 23 -20.61 8.30 -4.59
CA THR D 23 -19.76 7.94 -5.68
C THR D 23 -20.03 6.51 -6.13
N THR D 24 -19.39 6.07 -7.17
CA THR D 24 -19.44 4.66 -7.60
C THR D 24 -18.52 3.82 -6.69
N TRP D 25 -18.69 2.51 -6.70
CA TRP D 25 -17.85 1.68 -5.89
C TRP D 25 -16.37 1.78 -6.33
N GLU D 26 -16.15 1.77 -7.63
CA GLU D 26 -14.79 1.86 -8.15
C GLU D 26 -14.12 3.11 -7.70
N ASN D 27 -14.79 4.24 -7.76
CA ASN D 27 -14.18 5.49 -7.35
C ASN D 27 -13.98 5.54 -5.83
N ALA D 28 -14.91 4.95 -5.07
CA ALA D 28 -14.74 4.81 -3.62
C ALA D 28 -13.51 3.96 -3.27
N HIS D 29 -13.32 2.87 -4.00
CA HIS D 29 -12.19 2.02 -3.84
C HIS D 29 -10.87 2.81 -3.98
N HIS D 30 -10.72 3.49 -5.11
CA HIS D 30 -9.59 4.38 -5.32
C HIS D 30 -9.43 5.46 -4.26
N GLU D 31 -10.53 6.10 -3.87
CA GLU D 31 -10.41 7.08 -2.82
C GLU D 31 -9.83 6.49 -1.58
N CYS D 32 -10.30 5.35 -1.14
CA CYS D 32 -9.82 4.81 0.08
C CYS D 32 -8.35 4.39 -0.05
N VAL D 33 -8.01 3.77 -1.17
CA VAL D 33 -6.60 3.28 -1.34
C VAL D 33 -5.62 4.48 -1.35
N SER D 34 -6.13 5.64 -1.78
CA SER D 34 -5.31 6.86 -1.85
C SER D 34 -4.74 7.35 -0.51
N TYR D 35 -5.26 6.86 0.61
CA TYR D 35 -4.76 7.21 1.93
C TYR D 35 -3.74 6.21 2.44
N SER D 36 -3.31 5.28 1.60
CA SER D 36 -2.28 4.35 2.00
C SER D 36 -0.97 5.06 2.28
N CYS D 37 -0.12 4.46 3.14
CA CYS D 37 1.19 4.98 3.30
CA CYS D 37 1.20 5.01 3.48
C CYS D 37 2.22 3.90 3.44
N SER D 38 2.97 3.80 2.37
CA SER D 38 3.90 2.69 2.25
C SER D 38 5.04 2.73 3.22
N THR D 39 5.45 3.96 3.61
CA THR D 39 6.64 4.10 4.44
C THR D 39 6.35 3.62 5.87
N LEU D 40 5.08 3.59 6.27
CA LEU D 40 4.69 3.08 7.59
C LEU D 40 3.87 1.76 7.46
N ASN D 41 3.86 1.19 6.27
CA ASN D 41 3.12 -0.04 5.98
C ASN D 41 1.65 0.04 6.33
N VAL D 42 1.06 1.20 6.08
CA VAL D 42 -0.35 1.40 6.31
C VAL D 42 -1.12 1.19 5.03
N ARG D 43 -2.05 0.26 5.06
CA ARG D 43 -2.87 -0.06 3.91
C ARG D 43 -4.24 0.55 4.15
N SER D 44 -4.67 1.43 3.26
CA SER D 44 -6.02 1.94 3.34
C SER D 44 -6.87 1.34 2.23
N ASP D 45 -8.13 1.08 2.55
CA ASP D 45 -9.01 0.34 1.62
C ASP D 45 -10.46 0.61 2.07
N LEU D 46 -11.39 0.23 1.21
CA LEU D 46 -12.77 0.17 1.59
C LEU D 46 -12.86 -0.78 2.80
N VAL D 47 -13.82 -0.49 3.66
CA VAL D 47 -14.01 -1.23 4.93
C VAL D 47 -14.25 -2.72 4.69
N SER D 48 -13.51 -3.59 5.39
CA SER D 48 -13.90 -5.03 5.59
C SER D 48 -14.43 -5.21 7.01
N VAL D 49 -15.30 -6.18 7.22
CA VAL D 49 -16.04 -6.33 8.47
C VAL D 49 -15.93 -7.79 8.91
N HIS D 50 -15.51 -8.02 10.14
CA HIS D 50 -15.13 -9.37 10.57
C HIS D 50 -15.83 -9.85 11.78
N SER D 51 -16.77 -9.06 12.27
CA SER D 51 -17.52 -9.45 13.48
C SER D 51 -18.76 -8.63 13.58
N ALA D 52 -19.71 -9.08 14.41
CA ALA D 52 -20.90 -8.30 14.67
C ALA D 52 -20.57 -6.91 15.29
N ALA D 53 -19.56 -6.88 16.17
CA ALA D 53 -19.15 -5.65 16.81
C ALA D 53 -18.59 -4.64 15.80
N GLU D 54 -17.75 -5.12 14.90
CA GLU D 54 -17.19 -4.25 13.86
C GLU D 54 -18.29 -3.74 12.92
N GLN D 55 -19.17 -4.60 12.52
CA GLN D 55 -20.34 -4.21 11.74
C GLN D 55 -21.12 -3.07 12.39
N ALA D 56 -21.47 -3.29 13.64
CA ALA D 56 -22.29 -2.33 14.38
C ALA D 56 -21.55 -0.98 14.55
N TYR D 57 -20.25 -1.07 14.80
CA TYR D 57 -19.42 0.13 14.91
C TYR D 57 -19.45 0.93 13.63
N VAL D 58 -19.23 0.24 12.52
CA VAL D 58 -19.16 0.89 11.25
C VAL D 58 -20.52 1.48 10.90
N PHE D 59 -21.58 0.70 11.11
CA PHE D 59 -22.95 1.11 10.76
C PHE D 59 -23.33 2.35 11.61
N ASN D 60 -23.06 2.29 12.90
CA ASN D 60 -23.39 3.43 13.77
C ASN D 60 -22.54 4.66 13.60
N TYR D 61 -21.28 4.46 13.20
CA TYR D 61 -20.48 5.65 12.87
C TYR D 61 -21.11 6.38 11.66
N TRP D 62 -21.36 5.64 10.60
CA TRP D 62 -22.01 6.14 9.38
C TRP D 62 -23.29 6.87 9.74
N ARG D 63 -24.20 6.19 10.46
CA ARG D 63 -25.57 6.76 10.59
C ARG D 63 -25.59 7.88 11.66
N GLY D 64 -24.56 7.97 12.46
CA GLY D 64 -24.37 9.13 13.31
C GLY D 64 -24.03 10.39 12.61
N ILE D 65 -23.49 10.32 11.41
CA ILE D 65 -23.22 11.47 10.59
C ILE D 65 -24.29 11.69 9.51
N ASP D 66 -24.68 10.62 8.79
CA ASP D 66 -25.51 10.66 7.66
C ASP D 66 -26.93 10.22 8.04
N SER D 67 -27.88 11.15 7.96
CA SER D 67 -29.29 10.77 8.15
CA SER D 67 -29.30 10.82 8.13
C SER D 67 -30.04 10.56 6.82
N GLN D 68 -29.38 10.75 5.70
CA GLN D 68 -30.05 10.58 4.40
C GLN D 68 -30.39 9.11 4.17
N ALA D 69 -31.49 8.91 3.46
CA ALA D 69 -31.78 7.58 2.94
C ALA D 69 -30.69 7.25 1.93
N GLY D 70 -30.11 6.08 2.12
CA GLY D 70 -29.05 5.66 1.21
C GLY D 70 -28.20 4.50 1.68
N GLN D 71 -27.11 4.24 0.92
CA GLN D 71 -26.30 3.08 1.13
C GLN D 71 -24.82 3.47 1.33
N LEU D 72 -24.04 2.51 1.85
CA LEU D 72 -22.62 2.73 2.17
C LEU D 72 -21.78 1.61 1.51
N TRP D 73 -20.90 1.98 0.59
CA TRP D 73 -20.04 1.04 -0.01
C TRP D 73 -19.06 0.45 0.98
N ILE D 74 -18.85 -0.88 0.87
CA ILE D 74 -17.84 -1.61 1.67
C ILE D 74 -16.96 -2.39 0.71
N GLY D 75 -15.87 -3.00 1.18
CA GLY D 75 -14.91 -3.61 0.29
C GLY D 75 -15.24 -5.00 -0.17
N LEU D 76 -16.54 -5.36 -0.19
CA LEU D 76 -16.96 -6.69 -0.56
C LEU D 76 -17.32 -6.68 -2.06
N TYR D 77 -16.86 -7.67 -2.78
CA TYR D 77 -17.16 -7.74 -4.20
C TYR D 77 -17.01 -9.18 -4.77
N ASP D 78 -17.68 -9.45 -5.90
CA ASP D 78 -17.54 -10.70 -6.62
C ASP D 78 -17.23 -10.51 -8.12
N LYS D 79 -16.66 -9.36 -8.42
CA LYS D 79 -16.32 -8.97 -9.81
C LYS D 79 -15.52 -10.05 -10.50
N TYR D 80 -14.54 -10.64 -9.80
CA TYR D 80 -13.64 -11.62 -10.50
C TYR D 80 -14.03 -13.09 -10.40
N ASN D 81 -15.05 -13.40 -9.63
CA ASN D 81 -15.54 -14.74 -9.50
C ASN D 81 -17.02 -14.68 -9.05
N GLU D 82 -17.91 -14.66 -10.04
CA GLU D 82 -19.29 -14.38 -9.78
C GLU D 82 -19.84 -15.37 -8.75
N GLY D 83 -20.54 -14.85 -7.75
CA GLY D 83 -21.10 -15.69 -6.70
C GLY D 83 -20.22 -15.84 -5.47
N ASP D 84 -18.96 -15.42 -5.55
CA ASP D 84 -18.02 -15.63 -4.40
C ASP D 84 -17.59 -14.28 -3.90
N PHE D 85 -18.29 -13.76 -2.88
CA PHE D 85 -17.98 -12.46 -2.40
C PHE D 85 -16.73 -12.46 -1.48
N ILE D 86 -15.75 -11.60 -1.82
CA ILE D 86 -14.49 -11.43 -1.08
C ILE D 86 -14.20 -9.98 -0.74
N TRP D 87 -13.20 -9.75 0.14
CA TRP D 87 -12.82 -8.40 0.51
C TRP D 87 -11.67 -7.94 -0.38
N THR D 88 -11.72 -6.69 -0.80
CA THR D 88 -10.59 -6.06 -1.53
C THR D 88 -9.30 -6.11 -0.76
N ASP D 89 -9.35 -6.12 0.58
CA ASP D 89 -8.11 -6.04 1.37
C ASP D 89 -7.51 -7.42 1.64
N GLY D 90 -8.07 -8.50 1.09
CA GLY D 90 -7.54 -9.80 1.21
C GLY D 90 -7.86 -10.51 2.50
N SER D 91 -8.67 -9.88 3.37
CA SER D 91 -9.02 -10.49 4.65
C SER D 91 -10.01 -11.62 4.42
N LYS D 92 -10.17 -12.48 5.41
CA LYS D 92 -11.03 -13.64 5.34
C LYS D 92 -12.49 -13.24 5.46
N VAL D 93 -13.40 -14.07 4.95
CA VAL D 93 -14.80 -13.76 4.95
C VAL D 93 -15.53 -14.71 5.88
N GLY D 94 -15.13 -14.72 7.11
CA GLY D 94 -15.92 -15.47 8.13
C GLY D 94 -17.26 -14.84 8.56
N TYR D 95 -17.30 -13.52 8.60
CA TYR D 95 -18.47 -12.75 8.99
C TYR D 95 -19.24 -12.32 7.72
N THR D 96 -20.55 -12.52 7.77
CA THR D 96 -21.48 -12.07 6.72
C THR D 96 -22.70 -11.51 7.38
N LYS D 97 -23.36 -10.60 6.70
CA LYS D 97 -24.61 -10.02 7.15
C LYS D 97 -25.48 -9.63 6.00
N TRP D 98 -25.85 -10.57 5.15
CA TRP D 98 -26.70 -10.24 3.99
C TRP D 98 -28.13 -9.87 4.45
N ALA D 99 -28.70 -8.86 3.80
CA ALA D 99 -30.13 -8.55 3.90
C ALA D 99 -30.88 -9.76 3.30
N GLY D 100 -32.12 -9.94 3.72
CA GLY D 100 -32.93 -11.02 3.23
C GLY D 100 -32.99 -11.06 1.71
N GLY D 101 -32.64 -12.20 1.15
CA GLY D 101 -32.78 -12.36 -0.29
C GLY D 101 -31.53 -11.95 -1.04
N GLU D 102 -30.57 -11.42 -0.31
CA GLU D 102 -29.32 -10.95 -0.96
C GLU D 102 -28.20 -11.95 -0.68
N PRO D 103 -27.17 -12.04 -1.53
CA PRO D 103 -27.03 -11.30 -2.77
C PRO D 103 -27.88 -11.89 -3.86
N ASN D 104 -28.39 -11.06 -4.75
CA ASN D 104 -29.19 -11.56 -5.84
C ASN D 104 -28.62 -11.30 -7.22
N ASN D 105 -27.45 -10.67 -7.34
CA ASN D 105 -26.85 -10.40 -8.64
C ASN D 105 -27.85 -9.82 -9.68
N HIS D 106 -28.59 -8.84 -9.23
CA HIS D 106 -29.77 -8.44 -10.00
C HIS D 106 -29.37 -8.01 -11.43
N ASN D 107 -30.15 -8.47 -12.40
CA ASN D 107 -29.83 -8.32 -13.81
C ASN D 107 -28.48 -8.73 -14.26
N ASN D 108 -27.95 -9.82 -13.67
CA ASN D 108 -26.66 -10.30 -13.94
C ASN D 108 -25.59 -9.26 -13.82
N ALA D 109 -25.76 -8.29 -12.93
CA ALA D 109 -24.80 -7.20 -12.92
C ALA D 109 -24.61 -6.51 -11.59
N GLU D 110 -24.72 -7.26 -10.53
CA GLU D 110 -24.42 -6.68 -9.21
C GLU D 110 -23.22 -7.37 -8.56
N ASP D 111 -22.11 -6.66 -8.50
CA ASP D 111 -20.87 -7.28 -8.01
C ASP D 111 -20.27 -6.59 -6.80
N TYR D 112 -20.96 -5.58 -6.24
CA TYR D 112 -20.35 -4.68 -5.26
C TYR D 112 -21.20 -4.53 -4.03
N GLY D 113 -20.60 -4.82 -2.88
CA GLY D 113 -21.28 -4.77 -1.59
C GLY D 113 -21.45 -3.40 -0.99
N GLN D 114 -22.57 -3.25 -0.30
CA GLN D 114 -22.91 -2.03 0.45
C GLN D 114 -23.83 -2.33 1.60
N PHE D 115 -23.70 -1.55 2.68
CA PHE D 115 -24.68 -1.58 3.79
C PHE D 115 -25.94 -0.84 3.29
N ARG D 116 -27.09 -1.41 3.62
CA ARG D 116 -28.30 -0.60 3.68
C ARG D 116 -28.38 0.24 4.96
N HIS D 117 -29.23 1.27 4.95
CA HIS D 117 -29.31 2.17 6.11
C HIS D 117 -30.17 1.70 7.28
N THR D 118 -30.69 0.48 7.21
CA THR D 118 -31.49 -0.13 8.31
C THR D 118 -31.02 -1.52 8.53
N GLU D 119 -31.66 -2.20 9.50
CA GLU D 119 -31.32 -3.56 9.81
C GLU D 119 -29.85 -3.78 10.13
N GLY D 120 -29.28 -2.85 10.93
CA GLY D 120 -27.95 -3.06 11.40
C GLY D 120 -26.89 -2.95 10.31
N GLY D 121 -27.32 -2.40 9.19
CA GLY D 121 -26.46 -2.26 8.02
C GLY D 121 -26.37 -3.52 7.21
N ALA D 122 -27.44 -4.33 7.16
CA ALA D 122 -27.37 -5.56 6.40
C ALA D 122 -27.04 -5.28 4.94
N TRP D 123 -26.35 -6.22 4.35
CA TRP D 123 -25.70 -6.00 3.09
C TRP D 123 -26.54 -6.28 1.83
N ASN D 124 -26.29 -5.48 0.81
CA ASN D 124 -26.85 -5.66 -0.51
C ASN D 124 -25.73 -5.75 -1.52
N ASP D 125 -25.87 -6.54 -2.57
CA ASP D 125 -24.98 -6.35 -3.76
C ASP D 125 -25.61 -5.34 -4.75
N ASN D 126 -24.78 -4.49 -5.36
CA ASN D 126 -25.28 -3.52 -6.32
C ASN D 126 -24.28 -3.37 -7.44
N SER D 127 -24.64 -2.53 -8.41
CA SER D 127 -23.96 -2.53 -9.72
C SER D 127 -22.83 -1.48 -9.79
N ALA D 128 -22.09 -1.57 -10.89
CA ALA D 128 -20.95 -0.70 -11.13
C ALA D 128 -21.44 0.71 -11.42
N ALA D 129 -22.70 0.88 -11.84
CA ALA D 129 -23.27 2.23 -12.03
C ALA D 129 -23.88 2.91 -10.81
N ALA D 130 -24.21 2.17 -9.77
CA ALA D 130 -24.81 2.67 -8.60
C ALA D 130 -23.92 3.67 -7.87
N GLN D 131 -24.58 4.55 -7.14
CA GLN D 131 -23.97 5.54 -6.34
C GLN D 131 -24.29 5.26 -4.86
N ALA D 132 -23.29 5.45 -3.99
CA ALA D 132 -23.48 5.38 -2.53
C ALA D 132 -22.40 6.17 -1.84
N LYS D 133 -22.59 6.40 -0.53
CA LYS D 133 -21.59 6.96 0.32
C LYS D 133 -20.51 5.88 0.54
N TYR D 134 -19.44 6.21 1.25
CA TYR D 134 -18.38 5.14 1.42
C TYR D 134 -17.59 5.31 2.70
N MET D 135 -16.95 4.20 3.11
CA MET D 135 -16.23 4.10 4.36
C MET D 135 -14.87 3.46 4.08
N CYS D 136 -13.82 4.10 4.60
CA CYS D 136 -12.46 3.56 4.52
C CYS D 136 -11.95 3.04 5.83
N LYS D 137 -10.93 2.18 5.77
CA LYS D 137 -10.37 1.51 6.89
C LYS D 137 -8.87 1.40 6.70
N LEU D 138 -8.12 1.75 7.76
CA LEU D 138 -6.65 1.56 7.77
C LEU D 138 -6.34 0.23 8.43
N THR D 139 -5.44 -0.51 7.82
CA THR D 139 -4.85 -1.71 8.36
C THR D 139 -3.31 -1.51 8.49
N PHE D 140 -2.79 -1.79 9.69
CA PHE D 140 -1.42 -1.52 9.98
C PHE D 140 -0.71 -2.85 9.79
N GLU D 141 -0.25 -3.04 8.58
CA GLU D 141 0.32 -4.35 8.19
C GLU D 141 1.71 -4.55 8.84
CA CA E . -18.17 -32.93 -16.50
CA CA F . -11.51 -37.93 -15.58
CA CA G . -21.49 -32.12 -14.51
C1 MAN H . -8.88 -42.45 -13.03
C2 MAN H . -9.41 -41.99 -14.36
C3 MAN H . -9.66 -40.49 -14.41
C4 MAN H . -10.40 -40.07 -13.16
C5 MAN H . -9.49 -40.41 -11.95
C6 MAN H . -9.97 -39.99 -10.58
O1 MAN H . -7.53 -42.03 -13.07
O2 MAN H . -10.65 -42.65 -14.46
O3 MAN H . -10.47 -40.25 -15.55
O4 MAN H . -10.66 -38.69 -13.28
O5 MAN H . -9.51 -41.88 -11.88
O6 MAN H . -11.27 -40.54 -10.63
CA CA I . 11.12 23.85 1.09
CA CA J . 11.79 26.99 -6.72
CA CA K . 8.72 24.22 4.15
C1 MAN L . 9.09 31.01 -10.03
C2 MAN L . 8.81 29.63 -9.45
C3 MAN L . 9.92 29.19 -8.50
C4 MAN L . 11.29 29.26 -9.18
C5 MAN L . 11.42 30.73 -9.59
C6 MAN L . 12.74 30.98 -10.28
O1 MAN L . 8.94 32.02 -8.99
O2 MAN L . 8.75 28.70 -10.50
O3 MAN L . 9.61 27.85 -7.99
O4 MAN L . 12.32 28.89 -8.24
O5 MAN L . 10.41 30.95 -10.58
O6 MAN L . 12.66 30.22 -11.48
CA CA M . 25.10 25.05 20.98
CA CA N . 27.40 19.08 26.55
CA CA O . 26.45 26.66 17.64
C1 MAN P . 31.37 15.43 28.73
C2 MAN P . 30.66 16.72 29.09
C3 MAN P . 29.45 16.96 28.15
C4 MAN P . 29.90 16.88 26.69
C5 MAN P . 30.56 15.54 26.44
C6 MAN P . 31.10 15.45 25.01
O1 MAN P . 30.39 14.46 29.04
O2 MAN P . 31.64 17.73 28.95
O3 MAN P . 28.90 18.25 28.31
O4 MAN P . 28.76 17.11 25.79
O5 MAN P . 31.73 15.34 27.33
O6 MAN P . 31.91 14.27 24.79
CA CA Q . -22.33 -10.67 -8.75
CA CA R . -28.83 -6.91 -4.83
CA CA S . -20.55 -10.32 -12.30
C1 MAN T . -33.70 -3.69 -4.93
C2 MAN T . -33.20 -5.06 -4.64
C3 MAN T . -31.66 -5.16 -4.53
C4 MAN T . -31.06 -4.42 -5.68
C5 MAN T . -31.59 -2.99 -5.70
C6 MAN T . -30.83 -2.30 -6.83
O1 MAN T . -33.48 -2.84 -3.83
O2 MAN T . -33.60 -5.69 -5.80
O3 MAN T . -31.28 -6.53 -4.52
O4 MAN T . -29.64 -4.41 -5.54
O5 MAN T . -33.02 -3.07 -6.01
O6 MAN T . -31.22 -0.95 -6.97
#